data_6YI6
#
_entry.id   6YI6
#
_cell.length_a   92.606
_cell.length_b   92.606
_cell.length_c   130.637
_cell.angle_alpha   90.000
_cell.angle_beta   90.000
_cell.angle_gamma   120.000
#
_symmetry.space_group_name_H-M   'P 61 2 2'
#
loop_
_entity.id
_entity.type
_entity.pdbx_description
1 polymer Thermolysin
2 non-polymer 'ZINC ION'
3 non-polymer 'CALCIUM ION'
4 non-polymer 'CESIUM ION'
5 non-polymer 'DIMETHYL SULFOXIDE'
6 non-polymer '(2~{S})-2-[[(2~{S})-4-methyl-2-[[oxidanyl-[(1~{S})-2-phenyl-1-(phenylmethoxycarbonylamino)ethyl]phosphoryl]amino]pentanoyl]amino]propanoic acid'
7 water water
#
_entity_poly.entity_id   1
_entity_poly.type   'polypeptide(L)'
_entity_poly.pdbx_seq_one_letter_code
;ITGTSTVGVGRGVLGDQKNINTTYSTYYYLQDNTRGNGIFTYDAKYRTTLPGSLWADADNQFFASYDAPAVDAHYYAGVT
YDYYKNVHNRLSYDGNNAAIRSSVHYSQGYNNAFWNGSQMVYGDGDGQTFIPLSGGIDVVAHELTHAVTDYTAGLIYQNE
SGAINEAISDIFGTLVEFYANKNPDWEIGEDVYTPGISGDSLRSMSDPAKYGDPDHYSKRYTGTQDNGGVHINSGIINKA
AYLISQGGTHYGVSVVGIGRDKLGKIFYRALTQYLTPTSNFSQLRAAAVQSATDLYGSTSQEVASVKQAFDAVGVK
;
_entity_poly.pdbx_strand_id   E
#
loop_
_chem_comp.id
_chem_comp.type
_chem_comp.name
_chem_comp.formula
CA non-polymer 'CALCIUM ION' 'Ca 2'
CS non-polymer 'CESIUM ION' 'Cs 1'
DMS non-polymer 'DIMETHYL SULFOXIDE' 'C2 H6 O S'
ORK non-polymer '(2~{S})-2-[[(2~{S})-4-methyl-2-[[oxidanyl-[(1~{S})-2-phenyl-1-(phenylmethoxycarbonylamino)ethyl]phosphoryl]amino]pentanoyl]amino]propanoic acid' 'C25 H34 N3 O7 P'
ZN non-polymer 'ZINC ION' 'Zn 2'
#
# COMPACT_ATOMS: atom_id res chain seq x y z
N ILE A 1 18.06 -17.99 4.47
CA ILE A 1 18.96 -19.03 5.04
C ILE A 1 18.33 -20.41 4.81
N THR A 2 19.15 -21.45 4.81
CA THR A 2 18.65 -22.81 4.73
C THR A 2 18.24 -23.29 6.12
N GLY A 3 17.03 -23.80 6.23
CA GLY A 3 16.56 -24.30 7.50
C GLY A 3 15.21 -24.93 7.32
N THR A 4 14.48 -25.07 8.42
CA THR A 4 13.16 -25.69 8.37
C THR A 4 12.10 -24.67 8.75
N SER A 5 10.97 -24.74 8.07
CA SER A 5 9.88 -23.79 8.29
C SER A 5 9.21 -24.05 9.64
N THR A 6 9.01 -22.96 10.38
CA THR A 6 8.48 -22.97 11.73
C THR A 6 7.41 -21.89 11.85
N VAL A 7 6.69 -21.91 12.97
CA VAL A 7 5.61 -20.96 13.23
C VAL A 7 5.85 -20.34 14.60
N GLY A 8 6.20 -19.06 14.62
CA GLY A 8 6.38 -18.31 15.84
C GLY A 8 5.11 -17.54 16.18
N VAL A 9 5.15 -16.90 17.34
N VAL A 9 5.15 -16.90 17.35
CA VAL A 9 4.02 -16.11 17.83
CA VAL A 9 4.04 -16.12 17.85
C VAL A 9 4.58 -14.82 18.42
C VAL A 9 4.58 -14.82 18.42
N GLY A 10 3.85 -13.74 18.23
CA GLY A 10 4.29 -12.47 18.75
C GLY A 10 3.17 -11.47 18.83
N ARG A 11 3.55 -10.24 19.20
N ARG A 11 3.58 -10.23 19.11
CA ARG A 11 2.61 -9.12 19.25
CA ARG A 11 2.66 -9.11 19.27
C ARG A 11 3.10 -8.01 18.33
C ARG A 11 3.11 -8.00 18.33
N GLY A 12 2.15 -7.42 17.62
CA GLY A 12 2.44 -6.32 16.71
C GLY A 12 2.42 -4.97 17.42
N VAL A 13 2.57 -3.92 16.61
CA VAL A 13 2.72 -2.56 17.10
C VAL A 13 1.52 -2.12 17.95
N LEU A 14 0.32 -2.57 17.57
N LEU A 14 0.32 -2.56 17.56
CA LEU A 14 -0.89 -2.20 18.30
CA LEU A 14 -0.92 -2.22 18.27
C LEU A 14 -1.23 -3.17 19.43
C LEU A 14 -1.24 -3.17 19.42
N GLY A 15 -0.35 -4.12 19.73
CA GLY A 15 -0.54 -5.02 20.85
C GLY A 15 -1.32 -6.27 20.55
N ASP A 16 -1.59 -6.55 19.28
CA ASP A 16 -2.37 -7.71 18.89
C ASP A 16 -1.45 -8.92 18.67
N GLN A 17 -1.91 -10.09 19.10
CA GLN A 17 -1.12 -11.31 18.95
C GLN A 17 -1.38 -11.93 17.58
N LYS A 18 -0.32 -12.42 16.95
CA LYS A 18 -0.47 -13.11 15.67
C LYS A 18 0.64 -14.14 15.52
N ASN A 19 0.36 -15.17 14.72
CA ASN A 19 1.37 -16.14 14.33
C ASN A 19 2.13 -15.64 13.12
N ILE A 20 3.44 -15.97 13.07
N ILE A 20 3.42 -15.97 13.07
CA ILE A 20 4.32 -15.59 11.97
CA ILE A 20 4.28 -15.59 11.95
C ILE A 20 5.10 -16.80 11.49
C ILE A 20 5.09 -16.79 11.48
N ASN A 21 5.31 -16.86 10.18
CA ASN A 21 6.10 -17.92 9.58
C ASN A 21 7.57 -17.58 9.71
N THR A 22 8.33 -18.49 10.33
CA THR A 22 9.75 -18.30 10.59
C THR A 22 10.53 -19.47 10.00
N THR A 23 11.86 -19.39 10.10
CA THR A 23 12.75 -20.46 9.68
C THR A 23 13.73 -20.75 10.78
N TYR A 24 13.89 -22.02 11.15
CA TYR A 24 14.82 -22.39 12.19
C TYR A 24 16.13 -22.95 11.63
N SER A 25 17.23 -22.35 12.07
CA SER A 25 18.58 -22.87 11.84
C SER A 25 19.45 -22.15 12.88
N THR A 26 19.62 -22.80 14.03
CA THR A 26 20.25 -22.29 15.25
C THR A 26 19.39 -21.23 15.92
N TYR A 27 19.07 -20.17 15.19
CA TYR A 27 18.10 -19.17 15.58
C TYR A 27 16.82 -19.36 14.78
N TYR A 28 15.75 -18.72 15.25
CA TYR A 28 14.53 -18.56 14.49
C TYR A 28 14.59 -17.23 13.76
N TYR A 29 14.50 -17.26 12.45
CA TYR A 29 14.62 -16.08 11.61
C TYR A 29 13.26 -15.69 11.05
N LEU A 30 13.07 -14.39 10.83
CA LEU A 30 11.86 -13.88 10.16
C LEU A 30 12.04 -14.12 8.66
N GLN A 31 11.79 -15.37 8.29
CA GLN A 31 11.89 -15.86 6.92
C GLN A 31 10.70 -16.80 6.73
N ASP A 32 9.76 -16.36 5.91
CA ASP A 32 8.51 -17.07 5.63
C ASP A 32 8.71 -17.80 4.30
N ASN A 33 8.83 -19.13 4.37
CA ASN A 33 9.03 -19.92 3.17
C ASN A 33 7.73 -20.36 2.50
N THR A 34 6.58 -20.00 3.08
CA THR A 34 5.30 -20.49 2.58
C THR A 34 4.78 -19.68 1.40
N ARG A 35 5.42 -18.57 1.06
CA ARG A 35 4.95 -17.65 0.03
C ARG A 35 6.07 -17.40 -0.97
N GLY A 36 5.86 -17.84 -2.21
CA GLY A 36 6.80 -17.52 -3.26
C GLY A 36 8.19 -18.00 -2.94
N ASN A 37 9.18 -17.16 -3.26
CA ASN A 37 10.56 -17.43 -2.90
C ASN A 37 10.95 -16.77 -1.58
N GLY A 38 9.97 -16.52 -0.74
CA GLY A 38 10.21 -16.12 0.63
C GLY A 38 9.86 -14.68 0.92
N ILE A 39 9.53 -14.43 2.19
CA ILE A 39 9.40 -13.10 2.76
C ILE A 39 10.43 -13.00 3.88
N PHE A 40 11.28 -11.99 3.82
CA PHE A 40 12.43 -11.85 4.71
C PHE A 40 12.36 -10.48 5.38
N THR A 41 12.48 -10.46 6.70
CA THR A 41 12.42 -9.22 7.46
C THR A 41 13.72 -9.02 8.25
N TYR A 42 14.25 -7.79 8.19
CA TYR A 42 15.57 -7.43 8.67
C TYR A 42 15.50 -6.33 9.73
N ASP A 43 16.52 -6.31 10.60
CA ASP A 43 16.72 -5.27 11.59
C ASP A 43 17.74 -4.26 11.09
N ALA A 44 17.29 -3.00 10.88
CA ALA A 44 18.21 -1.92 10.53
C ALA A 44 18.83 -1.25 11.76
N LYS A 45 18.40 -1.59 12.98
CA LYS A 45 19.13 -1.26 14.20
C LYS A 45 19.31 0.24 14.40
N TYR A 46 18.34 1.03 13.98
CA TYR A 46 18.31 2.48 14.10
C TYR A 46 19.29 3.18 13.17
N ARG A 47 19.93 2.46 12.26
CA ARG A 47 20.84 3.04 11.29
C ARG A 47 20.18 3.08 9.91
N THR A 48 20.93 3.57 8.93
CA THR A 48 20.38 3.77 7.59
C THR A 48 21.06 2.87 6.57
N THR A 49 21.92 1.96 6.99
N THR A 49 21.97 2.00 7.01
CA THR A 49 22.56 1.01 6.09
CA THR A 49 22.51 0.97 6.13
C THR A 49 21.64 -0.19 5.92
C THR A 49 21.44 -0.09 5.90
N LEU A 50 21.31 -0.52 4.66
CA LEU A 50 20.28 -1.48 4.32
C LEU A 50 20.87 -2.72 3.63
N PRO A 51 20.28 -3.89 3.85
CA PRO A 51 19.06 -4.08 4.64
C PRO A 51 19.23 -4.19 6.15
N GLY A 52 20.47 -4.33 6.61
CA GLY A 52 20.67 -4.71 7.99
C GLY A 52 20.79 -6.21 8.09
N SER A 53 20.49 -6.76 9.27
N SER A 53 20.46 -6.75 9.26
CA SER A 53 20.66 -8.18 9.50
CA SER A 53 20.64 -8.17 9.53
C SER A 53 19.33 -8.91 9.52
C SER A 53 19.29 -8.89 9.47
N LEU A 54 19.29 -10.07 8.87
CA LEU A 54 18.07 -10.88 8.86
C LEU A 54 17.64 -11.10 10.32
N TRP A 55 16.36 -10.85 10.60
CA TRP A 55 15.92 -10.82 11.99
C TRP A 55 16.06 -12.20 12.63
N ALA A 56 16.81 -12.27 13.72
CA ALA A 56 17.10 -13.52 14.42
C ALA A 56 16.58 -13.44 15.85
N ASP A 57 15.99 -14.55 16.29
CA ASP A 57 15.36 -14.63 17.61
C ASP A 57 15.65 -16.00 18.21
N ALA A 58 15.98 -16.02 19.52
CA ALA A 58 16.40 -17.25 20.17
C ALA A 58 15.28 -18.27 20.37
N ASP A 59 14.04 -17.83 20.61
CA ASP A 59 12.99 -18.74 21.09
C ASP A 59 11.70 -18.77 20.27
N ASN A 60 11.63 -18.04 19.15
CA ASN A 60 10.46 -18.06 18.27
C ASN A 60 9.25 -17.37 18.89
N GLN A 61 9.47 -16.58 19.94
CA GLN A 61 8.45 -15.76 20.59
C GLN A 61 8.84 -14.30 20.42
N PHE A 62 7.90 -13.49 19.94
CA PHE A 62 8.21 -12.13 19.52
C PHE A 62 7.32 -11.13 20.23
N PHE A 63 7.43 -11.09 21.56
CA PHE A 63 6.61 -10.23 22.39
C PHE A 63 7.32 -9.03 22.97
N ALA A 64 8.59 -8.81 22.63
CA ALA A 64 9.29 -7.63 23.13
C ALA A 64 8.87 -6.39 22.35
N SER A 65 8.92 -5.24 23.02
CA SER A 65 8.59 -3.99 22.33
C SER A 65 9.42 -3.82 21.06
N TYR A 66 10.71 -4.18 21.10
CA TYR A 66 11.58 -4.02 19.94
C TYR A 66 11.17 -4.94 18.80
N ASP A 67 10.48 -6.04 19.11
CA ASP A 67 10.04 -6.98 18.09
C ASP A 67 8.82 -6.51 17.30
N ALA A 68 7.98 -5.65 17.90
CA ALA A 68 6.65 -5.40 17.34
C ALA A 68 6.68 -4.90 15.90
N PRO A 69 7.55 -3.95 15.52
CA PRO A 69 7.52 -3.51 14.11
C PRO A 69 7.92 -4.60 13.15
N ALA A 70 8.80 -5.51 13.56
CA ALA A 70 9.20 -6.61 12.70
C ALA A 70 8.06 -7.60 12.51
N VAL A 71 7.36 -7.92 13.59
CA VAL A 71 6.21 -8.83 13.51
C VAL A 71 5.24 -8.31 12.46
N ASP A 72 4.90 -7.03 12.51
CA ASP A 72 3.89 -6.49 11.62
C ASP A 72 4.39 -6.35 10.19
N ALA A 73 5.64 -5.90 9.99
CA ALA A 73 6.15 -5.83 8.63
C ALA A 73 6.11 -7.19 7.98
N HIS A 74 6.48 -8.23 8.74
CA HIS A 74 6.56 -9.59 8.22
C HIS A 74 5.16 -10.13 7.92
N TYR A 75 4.25 -10.00 8.89
CA TYR A 75 2.90 -10.52 8.74
C TYR A 75 2.14 -9.79 7.65
N TYR A 76 2.19 -8.46 7.63
CA TYR A 76 1.41 -7.72 6.64
C TYR A 76 1.98 -7.87 5.23
N ALA A 77 3.28 -8.10 5.09
CA ALA A 77 3.80 -8.48 3.78
C ALA A 77 3.18 -9.78 3.31
N GLY A 78 2.97 -10.74 4.22
CA GLY A 78 2.30 -11.97 3.86
C GLY A 78 0.86 -11.76 3.41
N VAL A 79 0.12 -10.90 4.12
CA VAL A 79 -1.26 -10.61 3.72
C VAL A 79 -1.27 -9.98 2.34
N THR A 80 -0.35 -9.04 2.08
CA THR A 80 -0.30 -8.36 0.80
C THR A 80 0.04 -9.33 -0.32
N TYR A 81 0.99 -10.24 -0.08
CA TYR A 81 1.29 -11.29 -1.05
C TYR A 81 0.03 -12.10 -1.35
N ASP A 82 -0.70 -12.48 -0.30
CA ASP A 82 -1.92 -13.28 -0.47
C ASP A 82 -2.95 -12.53 -1.31
N TYR A 83 -3.12 -11.23 -1.06
CA TYR A 83 -4.07 -10.45 -1.83
C TYR A 83 -3.74 -10.50 -3.31
N TYR A 84 -2.49 -10.18 -3.65
CA TYR A 84 -2.13 -10.14 -5.07
C TYR A 84 -2.25 -11.52 -5.73
N LYS A 85 -1.86 -12.58 -5.01
CA LYS A 85 -1.95 -13.92 -5.58
C LYS A 85 -3.40 -14.38 -5.70
N ASN A 86 -4.17 -14.29 -4.62
CA ASN A 86 -5.52 -14.85 -4.59
C ASN A 86 -6.50 -14.01 -5.40
N VAL A 87 -6.33 -12.69 -5.41
CA VAL A 87 -7.30 -11.82 -6.06
C VAL A 87 -6.93 -11.54 -7.51
N HIS A 88 -5.63 -11.34 -7.80
CA HIS A 88 -5.19 -10.93 -9.12
C HIS A 88 -4.32 -11.95 -9.83
N ASN A 89 -4.10 -13.13 -9.24
CA ASN A 89 -3.24 -14.16 -9.81
C ASN A 89 -1.86 -13.59 -10.13
N ARG A 90 -1.35 -12.71 -9.28
CA ARG A 90 -0.01 -12.15 -9.41
C ARG A 90 0.89 -12.72 -8.32
N LEU A 91 2.04 -13.27 -8.73
CA LEU A 91 3.00 -13.92 -7.83
C LEU A 91 4.10 -12.93 -7.46
N SER A 92 3.97 -12.35 -6.26
CA SER A 92 4.86 -11.31 -5.76
C SER A 92 4.86 -10.07 -6.63
N TYR A 93 5.76 -9.14 -6.35
CA TYR A 93 5.68 -7.84 -7.02
C TYR A 93 6.11 -7.91 -8.47
N ASP A 94 6.98 -8.84 -8.84
CA ASP A 94 7.45 -8.95 -10.22
C ASP A 94 6.67 -9.97 -11.04
N GLY A 95 5.68 -10.64 -10.45
CA GLY A 95 4.93 -11.65 -11.14
C GLY A 95 5.63 -12.98 -11.27
N ASN A 96 6.85 -13.09 -10.72
CA ASN A 96 7.64 -14.31 -10.78
C ASN A 96 8.15 -14.70 -9.40
N ASN A 97 7.40 -14.35 -8.37
CA ASN A 97 7.68 -14.78 -7.00
C ASN A 97 9.00 -14.25 -6.47
N ALA A 98 9.38 -13.03 -6.85
CA ALA A 98 10.55 -12.40 -6.26
C ALA A 98 10.45 -12.42 -4.73
N ALA A 99 11.60 -12.67 -4.09
CA ALA A 99 11.67 -12.58 -2.64
C ALA A 99 11.30 -11.18 -2.17
N ILE A 100 10.52 -11.10 -1.10
CA ILE A 100 10.06 -9.83 -0.54
C ILE A 100 10.89 -9.51 0.70
N ARG A 101 11.58 -8.38 0.68
CA ARG A 101 12.46 -8.00 1.78
C ARG A 101 12.00 -6.69 2.40
N SER A 102 12.00 -6.65 3.75
CA SER A 102 11.64 -5.46 4.50
C SER A 102 12.66 -5.24 5.62
N SER A 103 12.99 -3.97 5.89
CA SER A 103 13.78 -3.62 7.07
C SER A 103 12.96 -2.70 7.97
N VAL A 104 13.06 -2.94 9.27
CA VAL A 104 12.42 -2.12 10.29
C VAL A 104 13.48 -1.49 11.20
N HIS A 105 13.04 -0.57 12.05
CA HIS A 105 13.95 0.22 12.88
C HIS A 105 14.94 1.01 12.02
N TYR A 106 14.45 1.57 10.91
CA TYR A 106 15.29 2.40 10.04
C TYR A 106 15.46 3.77 10.65
N SER A 107 16.72 4.16 10.86
CA SER A 107 17.09 5.46 11.38
C SER A 107 16.52 5.70 12.78
N GLN A 108 16.49 6.96 13.21
CA GLN A 108 15.98 7.36 14.51
C GLN A 108 14.84 8.36 14.32
N GLY A 109 13.70 8.08 14.95
CA GLY A 109 12.56 8.98 14.88
C GLY A 109 12.03 9.22 13.47
N TYR A 110 12.13 8.23 12.59
CA TYR A 110 11.93 8.44 11.16
C TYR A 110 10.44 8.31 10.84
N ASN A 111 9.83 9.42 10.40
CA ASN A 111 8.40 9.52 10.16
C ASN A 111 8.03 9.16 8.73
N ASN A 112 8.44 7.99 8.26
CA ASN A 112 8.09 7.60 6.89
C ASN A 112 8.41 6.13 6.69
N ALA A 113 8.04 5.65 5.50
CA ALA A 113 8.28 4.29 5.03
C ALA A 113 8.46 4.41 3.52
N PHE A 114 9.20 3.47 2.92
CA PHE A 114 9.48 3.60 1.50
C PHE A 114 9.86 2.26 0.87
N TRP A 115 9.81 2.27 -0.46
CA TRP A 115 10.38 1.24 -1.33
C TRP A 115 11.60 1.87 -1.98
N ASN A 116 12.77 1.27 -1.79
CA ASN A 116 14.03 1.89 -2.23
C ASN A 116 14.49 1.40 -3.59
N GLY A 117 13.62 0.73 -4.35
CA GLY A 117 13.97 0.10 -5.61
C GLY A 117 14.19 -1.40 -5.50
N SER A 118 14.43 -1.89 -4.28
CA SER A 118 14.76 -3.30 -4.04
C SER A 118 14.08 -3.89 -2.81
N GLN A 119 13.59 -3.09 -1.87
CA GLN A 119 13.03 -3.59 -0.62
C GLN A 119 12.17 -2.51 0.01
N MET A 120 11.36 -2.92 0.99
CA MET A 120 10.59 -2.01 1.83
C MET A 120 11.39 -1.63 3.06
N VAL A 121 11.13 -0.42 3.55
CA VAL A 121 11.85 0.16 4.67
C VAL A 121 10.87 0.93 5.55
N TYR A 122 10.92 0.71 6.88
CA TYR A 122 9.99 1.34 7.81
C TYR A 122 10.72 2.06 8.93
N GLY A 123 10.39 3.33 9.11
CA GLY A 123 10.78 4.04 10.31
C GLY A 123 9.98 3.60 11.52
N ASP A 124 10.47 4.01 12.69
CA ASP A 124 9.74 3.84 13.94
C ASP A 124 8.84 5.02 14.26
N GLY A 125 8.92 6.10 13.50
CA GLY A 125 8.24 7.32 13.87
C GLY A 125 8.89 7.98 15.08
N ASP A 126 8.50 9.21 15.38
CA ASP A 126 9.00 9.93 16.54
C ASP A 126 8.06 9.85 17.74
N GLY A 127 7.01 9.04 17.66
CA GLY A 127 6.05 8.93 18.73
C GLY A 127 5.03 10.04 18.78
N GLN A 128 5.15 11.04 17.92
CA GLN A 128 4.21 12.16 17.85
C GLN A 128 3.47 12.18 16.52
N THR A 129 4.20 12.22 15.41
CA THR A 129 3.57 12.15 14.09
C THR A 129 3.23 10.72 13.73
N PHE A 130 4.12 9.77 14.02
CA PHE A 130 3.88 8.36 13.74
C PHE A 130 4.42 7.50 14.88
N ILE A 131 3.81 6.32 15.05
CA ILE A 131 4.40 5.18 15.74
C ILE A 131 4.94 4.26 14.65
N PRO A 132 5.59 3.13 14.97
CA PRO A 132 6.29 2.39 13.92
C PRO A 132 5.36 2.03 12.76
N LEU A 133 5.79 2.38 11.54
CA LEU A 133 4.85 2.53 10.44
C LEU A 133 4.36 1.20 9.89
N SER A 134 5.09 0.10 10.14
CA SER A 134 4.62 -1.21 9.73
C SER A 134 3.38 -1.66 10.50
N GLY A 135 2.97 -0.94 11.55
CA GLY A 135 1.72 -1.23 12.21
C GLY A 135 0.49 -0.97 11.37
N GLY A 136 0.62 -0.30 10.23
CA GLY A 136 -0.50 -0.03 9.35
C GLY A 136 -0.48 -0.98 8.16
N ILE A 137 -1.51 -1.82 8.06
CA ILE A 137 -1.56 -2.75 6.93
C ILE A 137 -1.66 -1.98 5.62
N ASP A 138 -2.43 -0.88 5.60
CA ASP A 138 -2.48 -0.04 4.40
C ASP A 138 -1.12 0.55 4.05
N VAL A 139 -0.29 0.87 5.06
CA VAL A 139 1.06 1.38 4.81
C VAL A 139 1.92 0.30 4.17
N VAL A 140 1.95 -0.89 4.75
CA VAL A 140 2.74 -1.99 4.19
C VAL A 140 2.33 -2.26 2.75
N ALA A 141 1.02 -2.37 2.50
CA ALA A 141 0.58 -2.65 1.14
C ALA A 141 0.83 -1.46 0.20
N HIS A 142 0.76 -0.22 0.70
CA HIS A 142 1.17 0.94 -0.08
C HIS A 142 2.60 0.78 -0.57
N GLU A 143 3.52 0.42 0.33
CA GLU A 143 4.92 0.29 -0.07
C GLU A 143 5.13 -0.85 -1.06
N LEU A 144 4.56 -2.03 -0.78
CA LEU A 144 4.75 -3.15 -1.70
C LEU A 144 4.13 -2.83 -3.05
N THR A 145 3.05 -2.05 -3.07
CA THR A 145 2.44 -1.68 -4.34
C THR A 145 3.35 -0.77 -5.16
N HIS A 146 4.21 0.05 -4.54
CA HIS A 146 5.21 0.78 -5.32
C HIS A 146 6.07 -0.19 -6.13
N ALA A 147 6.42 -1.33 -5.54
CA ALA A 147 7.20 -2.34 -6.27
C ALA A 147 6.41 -2.90 -7.44
N VAL A 148 5.13 -3.21 -7.22
CA VAL A 148 4.28 -3.69 -8.30
C VAL A 148 4.24 -2.68 -9.43
N THR A 149 4.01 -1.40 -9.10
CA THR A 149 3.99 -0.36 -10.12
C THR A 149 5.31 -0.28 -10.87
N ASP A 150 6.43 -0.32 -10.15
CA ASP A 150 7.73 -0.18 -10.82
C ASP A 150 7.97 -1.31 -11.81
N TYR A 151 7.44 -2.51 -11.55
CA TYR A 151 7.60 -3.66 -12.45
C TYR A 151 6.56 -3.70 -13.56
N THR A 152 5.53 -2.85 -13.51
CA THR A 152 4.44 -2.90 -14.47
C THR A 152 4.39 -1.58 -15.20
N ALA A 153 3.48 -0.68 -14.83
CA ALA A 153 3.33 0.57 -15.57
C ALA A 153 4.59 1.42 -15.53
N GLY A 154 5.32 1.40 -14.41
CA GLY A 154 6.55 2.16 -14.33
C GLY A 154 6.36 3.66 -14.24
N LEU A 155 5.23 4.10 -13.69
CA LEU A 155 4.89 5.51 -13.61
C LEU A 155 6.01 6.33 -12.98
N ILE A 156 6.48 7.32 -13.72
N ILE A 156 6.48 7.33 -13.74
CA ILE A 156 7.56 8.20 -13.26
CA ILE A 156 7.54 8.21 -13.26
C ILE A 156 7.06 9.00 -12.06
C ILE A 156 7.04 8.98 -12.05
N TYR A 157 7.92 9.15 -11.05
CA TYR A 157 7.51 9.68 -9.75
C TYR A 157 7.56 11.21 -9.70
N GLN A 158 6.80 11.84 -10.59
CA GLN A 158 6.66 13.28 -10.54
C GLN A 158 5.40 13.69 -11.30
N ASN A 159 4.85 14.83 -10.91
CA ASN A 159 3.72 15.45 -11.64
C ASN A 159 2.57 14.44 -11.74
N GLU A 160 1.84 14.39 -12.86
CA GLU A 160 0.61 13.59 -12.87
C GLU A 160 0.90 12.10 -12.83
N SER A 161 1.91 11.62 -13.57
CA SER A 161 2.22 10.20 -13.49
C SER A 161 2.58 9.79 -12.07
N GLY A 162 3.27 10.68 -11.35
CA GLY A 162 3.63 10.37 -9.97
C GLY A 162 2.46 10.38 -9.02
N ALA A 163 1.50 11.29 -9.25
CA ALA A 163 0.27 11.28 -8.46
C ALA A 163 -0.55 10.02 -8.73
N ILE A 164 -0.52 9.50 -9.97
CA ILE A 164 -1.17 8.22 -10.23
C ILE A 164 -0.42 7.10 -9.51
N ASN A 165 0.92 7.12 -9.57
CA ASN A 165 1.72 6.15 -8.84
C ASN A 165 1.30 6.12 -7.37
N GLU A 166 1.21 7.30 -6.73
CA GLU A 166 0.79 7.39 -5.34
C GLU A 166 -0.62 6.86 -5.13
N ALA A 167 -1.57 7.25 -5.97
CA ALA A 167 -2.94 6.81 -5.79
C ALA A 167 -3.05 5.30 -5.94
N ILE A 168 -2.33 4.71 -6.89
CA ILE A 168 -2.32 3.25 -7.04
C ILE A 168 -1.91 2.59 -5.72
N SER A 169 -0.86 3.12 -5.08
CA SER A 169 -0.43 2.59 -3.79
C SER A 169 -1.48 2.80 -2.69
N ASP A 170 -2.18 3.94 -2.68
CA ASP A 170 -3.23 4.15 -1.68
C ASP A 170 -4.45 3.27 -1.95
N ILE A 171 -4.81 3.12 -3.23
CA ILE A 171 -5.94 2.28 -3.61
C ILE A 171 -5.70 0.83 -3.21
N PHE A 172 -4.58 0.24 -3.65
CA PHE A 172 -4.31 -1.15 -3.28
C PHE A 172 -3.96 -1.31 -1.81
N GLY A 173 -3.35 -0.30 -1.19
CA GLY A 173 -3.20 -0.36 0.26
C GLY A 173 -4.53 -0.51 0.95
N THR A 174 -5.53 0.25 0.50
CA THR A 174 -6.88 0.18 1.06
C THR A 174 -7.58 -1.13 0.72
N LEU A 175 -7.43 -1.61 -0.51
CA LEU A 175 -8.05 -2.88 -0.86
C LEU A 175 -7.45 -4.05 -0.07
N VAL A 176 -6.14 -4.02 0.21
CA VAL A 176 -5.54 -5.02 1.08
C VAL A 176 -6.10 -4.89 2.49
N GLU A 177 -6.25 -3.67 2.99
CA GLU A 177 -6.84 -3.48 4.32
C GLU A 177 -8.24 -4.08 4.38
N PHE A 178 -9.05 -3.89 3.33
CA PHE A 178 -10.37 -4.52 3.32
C PHE A 178 -10.27 -6.04 3.22
N TYR A 179 -9.30 -6.56 2.46
CA TYR A 179 -9.08 -8.00 2.34
C TYR A 179 -8.83 -8.64 3.70
N ALA A 180 -7.98 -8.01 4.53
CA ALA A 180 -7.73 -8.54 5.86
C ALA A 180 -8.93 -8.34 6.79
N ASN A 181 -9.74 -7.31 6.53
CA ASN A 181 -11.04 -7.11 7.16
C ASN A 181 -10.94 -6.86 8.67
N LYS A 182 -9.93 -6.11 9.08
CA LYS A 182 -9.81 -5.61 10.45
C LYS A 182 -9.89 -4.08 10.42
N ASN A 183 -10.98 -3.53 10.94
CA ASN A 183 -11.22 -2.09 10.94
C ASN A 183 -10.93 -1.43 9.59
N PRO A 184 -11.47 -1.95 8.50
CA PRO A 184 -11.17 -1.35 7.20
C PRO A 184 -11.88 -0.03 7.00
N ASP A 185 -11.25 0.84 6.22
CA ASP A 185 -11.74 2.17 5.91
C ASP A 185 -11.08 2.66 4.64
N TRP A 186 -11.48 3.85 4.20
CA TRP A 186 -10.92 4.54 3.04
C TRP A 186 -9.97 5.65 3.45
N GLU A 187 -9.36 5.53 4.63
CA GLU A 187 -8.34 6.45 5.12
C GLU A 187 -6.97 5.77 5.01
N ILE A 188 -5.92 6.57 4.98
CA ILE A 188 -4.55 6.07 4.83
C ILE A 188 -3.76 6.34 6.11
N GLY A 189 -3.27 5.27 6.73
CA GLY A 189 -2.32 5.38 7.83
C GLY A 189 -2.91 5.63 9.19
N GLU A 190 -4.23 5.56 9.34
CA GLU A 190 -4.89 5.89 10.60
C GLU A 190 -4.38 5.06 11.78
N ASP A 191 -3.90 3.82 11.56
CA ASP A 191 -3.51 2.99 12.70
C ASP A 191 -2.17 3.40 13.30
N VAL A 192 -1.37 4.18 12.58
CA VAL A 192 -0.03 4.55 13.06
C VAL A 192 0.19 6.05 13.11
N TYR A 193 -0.74 6.86 12.62
CA TYR A 193 -0.58 8.31 12.56
C TYR A 193 -1.07 8.94 13.86
N THR A 194 -0.29 9.90 14.37
CA THR A 194 -0.62 10.77 15.49
C THR A 194 -1.28 10.05 16.65
N PRO A 195 -0.51 9.30 17.45
CA PRO A 195 -1.12 8.58 18.57
C PRO A 195 -1.84 9.47 19.57
N GLY A 196 -1.53 10.75 19.63
CA GLY A 196 -2.24 11.65 20.51
C GLY A 196 -3.51 12.27 19.97
N ILE A 197 -3.89 11.96 18.73
CA ILE A 197 -5.09 12.51 18.10
C ILE A 197 -5.91 11.35 17.56
N SER A 198 -7.13 11.18 18.07
CA SER A 198 -8.00 10.12 17.60
C SER A 198 -8.78 10.58 16.37
N GLY A 199 -9.05 9.63 15.47
CA GLY A 199 -9.99 9.86 14.39
C GLY A 199 -9.42 10.50 13.15
N ASP A 200 -8.11 10.78 13.11
CA ASP A 200 -7.49 11.39 11.95
C ASP A 200 -6.68 10.34 11.17
N SER A 201 -6.02 10.80 10.11
CA SER A 201 -5.25 9.92 9.24
C SER A 201 -4.30 10.80 8.43
N LEU A 202 -3.36 10.15 7.73
CA LEU A 202 -2.43 10.89 6.88
C LEU A 202 -3.13 11.47 5.66
N ARG A 203 -3.96 10.67 5.01
CA ARG A 203 -4.77 11.09 3.88
C ARG A 203 -6.13 10.42 3.98
N SER A 204 -7.11 11.01 3.31
CA SER A 204 -8.44 10.42 3.16
C SER A 204 -8.74 10.23 1.68
N MET A 205 -9.20 9.02 1.32
CA MET A 205 -9.67 8.81 -0.05
C MET A 205 -11.11 9.23 -0.21
N SER A 206 -11.92 9.08 0.85
CA SER A 206 -13.33 9.42 0.77
C SER A 206 -13.55 10.93 0.77
N ASP A 207 -12.66 11.68 1.42
CA ASP A 207 -12.76 13.14 1.48
C ASP A 207 -11.35 13.71 1.56
N PRO A 208 -10.60 13.67 0.46
CA PRO A 208 -9.20 14.15 0.52
C PRO A 208 -9.08 15.56 1.07
N ALA A 209 -10.08 16.39 0.83
CA ALA A 209 -9.99 17.79 1.21
C ALA A 209 -10.01 18.01 2.71
N LYS A 210 -10.38 17.01 3.50
CA LYS A 210 -10.35 17.21 4.94
C LYS A 210 -8.95 17.59 5.42
N TYR A 211 -7.92 17.27 4.64
CA TYR A 211 -6.54 17.67 4.92
C TYR A 211 -5.98 18.66 3.91
N GLY A 212 -6.82 19.27 3.10
CA GLY A 212 -6.34 20.18 2.10
C GLY A 212 -5.85 19.53 0.83
N ASP A 213 -6.01 18.19 0.69
CA ASP A 213 -5.66 17.58 -0.58
C ASP A 213 -6.81 17.77 -1.58
N PRO A 214 -6.50 17.97 -2.86
CA PRO A 214 -7.56 18.26 -3.83
C PRO A 214 -8.44 17.07 -4.12
N ASP A 215 -9.70 17.38 -4.41
CA ASP A 215 -10.72 16.39 -4.76
C ASP A 215 -11.35 16.71 -6.12
N HIS A 216 -10.67 17.55 -6.90
CA HIS A 216 -11.12 17.97 -8.23
C HIS A 216 -9.91 18.50 -8.98
N TYR A 217 -9.87 18.23 -10.28
CA TYR A 217 -8.72 18.61 -11.09
C TYR A 217 -8.48 20.12 -11.09
N SER A 218 -9.55 20.91 -10.95
CA SER A 218 -9.40 22.36 -10.92
C SER A 218 -8.70 22.84 -9.66
N LYS A 219 -8.47 21.97 -8.67
CA LYS A 219 -7.77 22.31 -7.44
C LYS A 219 -6.40 21.68 -7.38
N ARG A 220 -5.90 21.13 -8.49
CA ARG A 220 -4.61 20.45 -8.47
C ARG A 220 -3.47 21.42 -8.16
N TYR A 221 -2.45 20.87 -7.49
CA TYR A 221 -1.24 21.58 -7.18
C TYR A 221 -0.32 21.57 -8.39
N THR A 222 0.24 22.73 -8.72
CA THR A 222 1.04 22.90 -9.92
C THR A 222 2.47 23.34 -9.61
N GLY A 223 2.85 23.40 -8.33
CA GLY A 223 4.18 23.81 -7.93
C GLY A 223 5.15 22.66 -7.94
N THR A 224 6.31 22.88 -7.30
CA THR A 224 7.42 21.94 -7.39
C THR A 224 7.66 21.12 -6.13
N GLN A 225 7.03 21.48 -5.01
CA GLN A 225 7.21 20.69 -3.79
C GLN A 225 6.68 19.27 -4.01
N ASP A 226 7.22 18.33 -3.25
CA ASP A 226 6.69 16.97 -3.23
C ASP A 226 6.67 16.36 -4.63
N ASN A 227 7.75 16.57 -5.38
CA ASN A 227 7.87 16.05 -6.75
C ASN A 227 6.71 16.51 -7.63
N GLY A 228 6.30 17.75 -7.46
CA GLY A 228 5.13 18.24 -8.18
C GLY A 228 3.83 17.76 -7.59
N GLY A 229 3.78 17.56 -6.27
CA GLY A 229 2.54 17.23 -5.59
C GLY A 229 2.08 15.79 -5.67
N VAL A 230 2.99 14.81 -5.70
CA VAL A 230 2.55 13.44 -5.93
C VAL A 230 1.67 12.92 -4.78
N HIS A 231 1.93 13.35 -3.53
CA HIS A 231 1.10 12.94 -2.39
C HIS A 231 -0.09 13.86 -2.17
N ILE A 232 -0.22 14.89 -2.99
CA ILE A 232 -1.28 15.89 -2.90
C ILE A 232 -2.32 15.65 -3.97
N ASN A 233 -1.90 15.66 -5.25
CA ASN A 233 -2.77 15.42 -6.38
C ASN A 233 -3.25 13.99 -6.46
N SER A 234 -2.62 13.07 -5.71
CA SER A 234 -3.18 11.73 -5.57
C SER A 234 -4.61 11.77 -5.06
N GLY A 235 -5.00 12.83 -4.34
CA GLY A 235 -6.35 12.92 -3.83
C GLY A 235 -7.40 12.93 -4.92
N ILE A 236 -7.06 13.49 -6.07
CA ILE A 236 -8.01 13.57 -7.18
C ILE A 236 -8.33 12.17 -7.68
N ILE A 237 -7.31 11.32 -7.82
CA ILE A 237 -7.50 9.95 -8.27
C ILE A 237 -8.07 9.07 -7.16
N ASN A 238 -7.61 9.27 -5.92
CA ASN A 238 -8.18 8.54 -4.80
C ASN A 238 -9.68 8.78 -4.70
N LYS A 239 -10.10 10.03 -4.88
CA LYS A 239 -11.53 10.34 -4.84
C LYS A 239 -12.27 9.64 -5.96
N ALA A 240 -11.71 9.63 -7.17
CA ALA A 240 -12.36 8.95 -8.27
C ALA A 240 -12.51 7.46 -7.98
N ALA A 241 -11.47 6.84 -7.44
CA ALA A 241 -11.53 5.42 -7.11
C ALA A 241 -12.58 5.15 -6.05
N TYR A 242 -12.60 5.97 -4.99
CA TYR A 242 -13.62 5.88 -3.96
C TYR A 242 -15.01 5.96 -4.57
N LEU A 243 -15.23 6.91 -5.48
CA LEU A 243 -16.56 7.04 -6.10
C LEU A 243 -16.92 5.83 -6.95
N ILE A 244 -15.96 5.31 -7.72
CA ILE A 244 -16.23 4.11 -8.51
C ILE A 244 -16.72 2.98 -7.61
N SER A 245 -16.07 2.78 -6.47
CA SER A 245 -16.44 1.68 -5.59
C SER A 245 -17.74 1.97 -4.85
N GLN A 246 -17.83 3.15 -4.20
CA GLN A 246 -18.87 3.39 -3.21
C GLN A 246 -20.01 4.26 -3.71
N GLY A 247 -19.83 4.95 -4.84
CA GLY A 247 -20.83 5.85 -5.36
C GLY A 247 -20.84 7.16 -4.60
N GLY A 248 -21.62 8.09 -5.14
CA GLY A 248 -21.87 9.37 -4.49
C GLY A 248 -22.13 10.45 -5.52
N THR A 249 -22.52 11.61 -5.03
CA THR A 249 -22.68 12.78 -5.89
C THR A 249 -21.67 13.81 -5.42
N HIS A 250 -20.79 14.23 -6.32
CA HIS A 250 -19.60 15.01 -5.99
C HIS A 250 -19.52 16.14 -6.99
N TYR A 251 -19.51 17.38 -6.48
CA TYR A 251 -19.62 18.57 -7.32
C TYR A 251 -20.77 18.46 -8.32
N GLY A 252 -21.88 17.88 -7.87
CA GLY A 252 -23.08 17.82 -8.67
C GLY A 252 -23.15 16.65 -9.64
N VAL A 253 -22.12 15.81 -9.71
CA VAL A 253 -22.07 14.68 -10.64
C VAL A 253 -22.32 13.39 -9.86
N SER A 254 -23.33 12.62 -10.26
CA SER A 254 -23.69 11.39 -9.55
C SER A 254 -22.97 10.19 -10.15
N VAL A 255 -22.46 9.34 -9.27
CA VAL A 255 -21.72 8.14 -9.63
C VAL A 255 -22.43 6.95 -8.99
N VAL A 256 -22.75 5.95 -9.79
CA VAL A 256 -23.30 4.69 -9.29
C VAL A 256 -22.13 3.77 -8.90
N GLY A 257 -22.06 3.42 -7.63
CA GLY A 257 -20.97 2.57 -7.16
C GLY A 257 -21.10 1.14 -7.65
N ILE A 258 -19.95 0.51 -7.88
CA ILE A 258 -19.89 -0.86 -8.37
C ILE A 258 -19.16 -1.79 -7.41
N GLY A 259 -18.62 -1.30 -6.31
CA GLY A 259 -18.03 -2.12 -5.28
C GLY A 259 -16.51 -2.24 -5.40
N ARG A 260 -15.90 -2.63 -4.27
CA ARG A 260 -14.44 -2.66 -4.16
C ARG A 260 -13.82 -3.67 -5.10
N ASP A 261 -14.46 -4.83 -5.25
CA ASP A 261 -13.82 -5.90 -6.02
C ASP A 261 -13.69 -5.50 -7.48
N LYS A 262 -14.74 -4.91 -8.04
CA LYS A 262 -14.66 -4.43 -9.43
C LYS A 262 -13.72 -3.24 -9.57
N LEU A 263 -13.69 -2.32 -8.59
CA LEU A 263 -12.66 -1.28 -8.61
C LEU A 263 -11.27 -1.90 -8.72
N GLY A 264 -10.98 -2.89 -7.87
CA GLY A 264 -9.67 -3.52 -7.91
C GLY A 264 -9.37 -4.21 -9.23
N LYS A 265 -10.36 -4.88 -9.81
CA LYS A 265 -10.13 -5.53 -11.10
C LYS A 265 -9.81 -4.50 -12.18
N ILE A 266 -10.59 -3.41 -12.21
CA ILE A 266 -10.42 -2.39 -13.24
C ILE A 266 -9.06 -1.72 -13.12
N PHE A 267 -8.70 -1.30 -11.90
CA PHE A 267 -7.41 -0.61 -11.73
C PHE A 267 -6.22 -1.54 -11.86
N TYR A 268 -6.35 -2.82 -11.46
CA TYR A 268 -5.25 -3.75 -11.66
C TYR A 268 -5.01 -3.96 -13.16
N ARG A 269 -6.08 -4.12 -13.94
CA ARG A 269 -5.93 -4.25 -15.37
C ARG A 269 -5.35 -2.99 -15.99
N ALA A 270 -5.82 -1.82 -15.55
CA ALA A 270 -5.25 -0.58 -16.08
C ALA A 270 -3.76 -0.50 -15.80
N LEU A 271 -3.38 -0.83 -14.56
CA LEU A 271 -1.99 -0.73 -14.14
C LEU A 271 -1.08 -1.65 -14.94
N THR A 272 -1.56 -2.86 -15.23
CA THR A 272 -0.71 -3.90 -15.81
C THR A 272 -0.82 -4.02 -17.32
N GLN A 273 -1.85 -3.48 -17.95
CA GLN A 273 -2.02 -3.60 -19.39
C GLN A 273 -2.10 -2.28 -20.15
N TYR A 274 -2.31 -1.15 -19.50
CA TYR A 274 -2.55 0.08 -20.26
C TYR A 274 -1.69 1.27 -19.85
N LEU A 275 -1.44 1.46 -18.57
CA LEU A 275 -0.66 2.60 -18.15
C LEU A 275 0.82 2.44 -18.54
N THR A 276 1.48 3.59 -18.78
CA THR A 276 2.88 3.63 -19.16
C THR A 276 3.62 4.59 -18.22
N PRO A 277 4.94 4.71 -18.34
CA PRO A 277 5.66 5.56 -17.39
C PRO A 277 5.22 7.01 -17.39
N THR A 278 4.72 7.52 -18.51
CA THR A 278 4.36 8.94 -18.63
C THR A 278 2.86 9.21 -18.61
N SER A 279 2.04 8.23 -18.26
CA SER A 279 0.60 8.44 -18.29
C SER A 279 0.18 9.61 -17.41
N ASN A 280 -0.68 10.47 -17.94
CA ASN A 280 -1.29 11.56 -17.17
C ASN A 280 -2.71 11.17 -16.76
N PHE A 281 -3.39 12.09 -16.07
CA PHE A 281 -4.70 11.77 -15.52
C PHE A 281 -5.69 11.42 -16.63
N SER A 282 -5.68 12.19 -17.73
CA SER A 282 -6.58 11.91 -18.84
C SER A 282 -6.33 10.52 -19.42
N GLN A 283 -5.06 10.12 -19.48
CA GLN A 283 -4.72 8.80 -19.98
C GLN A 283 -5.10 7.70 -18.99
N LEU A 284 -5.06 7.99 -17.69
CA LEU A 284 -5.58 7.04 -16.73
C LEU A 284 -7.08 6.83 -16.93
N ARG A 285 -7.84 7.91 -17.13
CA ARG A 285 -9.26 7.75 -17.40
C ARG A 285 -9.46 6.81 -18.59
N ALA A 286 -8.72 7.04 -19.67
CA ALA A 286 -8.88 6.21 -20.86
C ALA A 286 -8.51 4.75 -20.56
N ALA A 287 -7.45 4.55 -19.77
CA ALA A 287 -7.03 3.20 -19.42
C ALA A 287 -8.08 2.49 -18.56
N ALA A 288 -8.69 3.22 -17.62
CA ALA A 288 -9.72 2.61 -16.77
C ALA A 288 -10.98 2.32 -17.58
N VAL A 289 -11.33 3.20 -18.51
CA VAL A 289 -12.49 2.94 -19.37
C VAL A 289 -12.25 1.70 -20.22
N GLN A 290 -11.06 1.58 -20.81
CA GLN A 290 -10.78 0.41 -21.64
C GLN A 290 -10.75 -0.86 -20.80
N SER A 291 -10.18 -0.79 -19.59
CA SER A 291 -10.11 -1.95 -18.73
C SER A 291 -11.50 -2.42 -18.34
N ALA A 292 -12.37 -1.49 -17.97
CA ALA A 292 -13.74 -1.86 -17.63
C ALA A 292 -14.48 -2.43 -18.84
N THR A 293 -14.19 -1.90 -20.04
CA THR A 293 -14.80 -2.43 -21.26
C THR A 293 -14.36 -3.86 -21.50
N ASP A 294 -13.05 -4.13 -21.34
CA ASP A 294 -12.54 -5.49 -21.49
C ASP A 294 -13.26 -6.45 -20.54
N LEU A 295 -13.44 -6.02 -19.29
CA LEU A 295 -13.91 -6.92 -18.24
C LEU A 295 -15.43 -7.10 -18.27
N TYR A 296 -16.18 -6.05 -18.60
CA TYR A 296 -17.61 -6.00 -18.38
C TYR A 296 -18.42 -5.60 -19.61
N GLY A 297 -17.80 -5.09 -20.65
CA GLY A 297 -18.50 -4.76 -21.87
C GLY A 297 -18.75 -3.27 -22.00
N SER A 298 -18.77 -2.79 -23.25
CA SER A 298 -18.84 -1.35 -23.48
C SER A 298 -20.15 -0.74 -22.99
N THR A 299 -21.24 -1.51 -22.97
CA THR A 299 -22.53 -1.00 -22.53
C THR A 299 -22.76 -1.20 -21.04
N SER A 300 -21.75 -1.61 -20.29
CA SER A 300 -21.94 -2.03 -18.92
C SER A 300 -22.10 -0.83 -17.99
N GLN A 301 -22.73 -1.10 -16.85
CA GLN A 301 -22.76 -0.12 -15.77
C GLN A 301 -21.34 0.23 -15.32
N GLU A 302 -20.45 -0.76 -15.31
CA GLU A 302 -19.10 -0.53 -14.80
C GLU A 302 -18.39 0.54 -15.62
N VAL A 303 -18.51 0.46 -16.95
CA VAL A 303 -17.92 1.49 -17.80
C VAL A 303 -18.58 2.85 -17.54
N ALA A 304 -19.91 2.88 -17.45
CA ALA A 304 -20.61 4.14 -17.22
C ALA A 304 -20.17 4.77 -15.91
N SER A 305 -19.96 3.95 -14.88
CA SER A 305 -19.56 4.45 -13.57
C SER A 305 -18.13 4.99 -13.58
N VAL A 306 -17.23 4.34 -14.31
CA VAL A 306 -15.86 4.88 -14.44
C VAL A 306 -15.90 6.27 -15.04
N LYS A 307 -16.70 6.46 -16.09
CA LYS A 307 -16.80 7.77 -16.72
C LYS A 307 -17.39 8.80 -15.76
N GLN A 308 -18.44 8.42 -15.02
CA GLN A 308 -19.06 9.35 -14.08
C GLN A 308 -18.06 9.79 -13.02
N ALA A 309 -17.26 8.86 -12.50
CA ALA A 309 -16.33 9.19 -11.43
C ALA A 309 -15.25 10.16 -11.90
N PHE A 310 -14.68 9.91 -13.09
CA PHE A 310 -13.70 10.85 -13.60
C PHE A 310 -14.35 12.19 -13.95
N ASP A 311 -15.60 12.18 -14.47
CA ASP A 311 -16.32 13.43 -14.66
C ASP A 311 -16.42 14.21 -13.36
N ALA A 312 -16.76 13.52 -12.26
CA ALA A 312 -17.00 14.20 -11.00
C ALA A 312 -15.75 14.88 -10.47
N VAL A 313 -14.56 14.34 -10.77
CA VAL A 313 -13.31 14.96 -10.34
C VAL A 313 -12.69 15.82 -11.42
N GLY A 314 -13.41 16.08 -12.51
CA GLY A 314 -12.94 17.03 -13.50
C GLY A 314 -11.88 16.52 -14.45
N VAL A 315 -11.78 15.21 -14.64
CA VAL A 315 -10.75 14.61 -15.50
C VAL A 315 -11.43 14.06 -16.73
N LYS A 316 -11.11 14.63 -17.90
CA LYS A 316 -11.69 14.19 -19.16
C LYS A 316 -10.68 13.42 -19.99
ZN ZN B . 3.96 6.19 -1.77
CA CA C . 12.11 -14.05 21.46
CA CA D . -6.79 2.63 6.28
CA CA E . -8.40 0.93 9.29
CA CA F . -4.10 9.68 15.12
CS CS G . -3.21 14.76 7.86
CS CS H . 4.56 20.86 -11.54
S DMS I . 14.46 -22.95 3.80
O DMS I . 15.65 -23.85 3.55
C1 DMS I . 14.33 -21.93 2.30
C2 DMS I . 12.98 -23.97 3.57
S DMS J . -16.40 2.01 6.31
O DMS J . -15.62 2.50 5.12
C1 DMS J . -16.19 0.22 6.39
C2 DMS J . -15.47 2.43 7.82
S DMS K . -17.90 -6.05 -3.12
O DMS K . -17.01 -5.59 -4.22
C1 DMS K . -18.53 -7.69 -3.52
C2 DMS K . -16.93 -6.42 -1.63
S DMS L . 12.68 8.43 -4.32
O DMS L . 12.26 9.82 -4.67
C1 DMS L . 11.26 7.31 -4.53
C2 DMS L . 13.76 7.78 -5.63
N ORK M . 5.76 6.89 1.89
N ORK M . 5.63 6.81 1.75
C ORK M . 1.76 5.50 3.44
C ORK M . 1.77 5.52 3.49
O ORK M . 5.12 7.37 -0.60
O ORK M . 4.80 7.44 -0.64
C1 ORK M . 2.67 6.48 4.17
C1 ORK M . 2.69 6.48 4.22
C10 ORK M . 12.20 9.86 0.11
C10 ORK M . 12.26 9.45 0.09
C11 ORK M . 12.00 8.52 -0.16
C11 ORK M . 12.02 8.82 1.29
C12 ORK M . 10.83 7.89 0.25
C12 ORK M . 10.81 8.19 1.52
C13 ORK M . 8.92 8.47 -2.02
C13 ORK M . 8.30 5.87 -2.00
C14 ORK M . 10.45 8.66 -3.81
C14 ORK M . 8.73 4.50 -3.90
C15 ORK M . 11.59 7.78 -4.24
C15 ORK M . 8.94 4.65 -5.38
C16 ORK M . 12.72 8.32 -4.85
C16 ORK M . 8.11 5.47 -6.13
C17 ORK M . 13.75 7.50 -5.27
C17 ORK M . 8.33 5.63 -7.49
C18 ORK M . 13.67 6.14 -5.09
C18 ORK M . 9.39 4.99 -8.10
C19 ORK M . 12.57 5.60 -4.48
C19 ORK M . 10.21 4.17 -7.36
C2 ORK M . 2.62 6.27 5.68
C2 ORK M . 2.70 6.20 5.72
C20 ORK M . 11.53 6.40 -4.05
C20 ORK M . 9.99 4.01 -6.00
C21 ORK M . 3.86 8.44 2.24
C21 ORK M . 3.81 8.45 2.22
C22 ORK M . 4.40 10.74 2.91
C22 ORK M . 4.37 10.73 2.90
C23 ORK M . 4.39 11.05 4.41
C23 ORK M . 4.32 11.02 4.40
C24 ORK M . 5.40 11.68 2.21
C24 ORK M . 5.39 11.66 2.23
C3 ORK M . 4.12 6.42 3.65
C3 ORK M . 4.12 6.43 3.66
C4 ORK M . 4.35 7.00 2.26
C4 ORK M . 4.25 6.99 2.25
C5 ORK M . 7.61 7.96 -0.01
C5 ORK M . 7.46 7.50 -0.31
C6 ORK M . 8.51 7.98 1.23
C6 ORK M . 8.59 7.31 0.72
C7 ORK M . 9.84 8.61 0.91
C7 ORK M . 9.83 8.15 0.54
C8 ORK M . 10.06 9.95 1.19
C8 ORK M . 10.07 8.83 -0.66
C9 ORK M . 11.24 10.57 0.79
C9 ORK M . 11.28 9.46 -0.88
N1 ORK M . 8.34 7.56 -1.22
N1 ORK M . 7.84 7.09 -1.66
N2 ORK M . 4.73 9.34 2.68
N2 ORK M . 4.70 9.34 2.67
O1 ORK M . 6.63 5.39 -0.11
O1 ORK M . 5.91 5.21 -0.24
O2 ORK M . 8.95 9.66 -1.82
O2 ORK M . 8.51 4.95 -1.26
O3 ORK M . 9.51 7.86 -3.05
O3 ORK M . 8.49 5.82 -3.34
O4 ORK M . 2.72 8.73 1.86
O4 ORK M . 2.68 8.75 1.83
O5 ORK M . 4.98 12.79 1.85
O5 ORK M . 4.99 12.79 1.89
O6 ORK M . 6.56 11.24 2.04
O6 ORK M . 6.55 11.23 2.06
P ORK M . 6.20 6.74 0.25
P ORK M . 5.81 6.63 0.08
#